data_1X7J
#
_entry.id   1X7J
#
_cell.length_a   52.231
_cell.length_b   87.667
_cell.length_c   100.113
_cell.angle_alpha   90.00
_cell.angle_beta   90.00
_cell.angle_gamma   90.00
#
_symmetry.space_group_name_H-M   'P 21 21 21'
#
loop_
_entity.id
_entity.type
_entity.pdbx_description
1 polymer 'Estrogen receptor beta'
2 polymer 'STEROID RECEPTOR COACTIVATOR-1'
3 non-polymer GENISTEIN
4 water water
#
loop_
_entity_poly.entity_id
_entity_poly.type
_entity_poly.pdbx_seq_one_letter_code
_entity_poly.pdbx_strand_id
1 'polypeptide(L)'
;DALSPEQLVLTLLEAEPPHVLISRPSAPFTEASMMMSLTKLADKELVHMISWAKKIPGFVELSLFDQVRLLESCWMEVLM
MGLMWRSIDHPGKLIFAPDLVLDRDEGKCVEGILEIFDMLLATTSRFRELKLQHKEYLCVKAMILLNSSMYPLVTATQDA
DSSRKLAHLLNAVTDALVWVIAKSGISSQQQSMRLANLLMLLSHVRHASNKGMEHLLNMKCKNVVPVYDLLLEMLNAHVL
;
A,B
2 'polypeptide(L)' SGSHKLVQLLTTT C,D
#
loop_
_chem_comp.id
_chem_comp.type
_chem_comp.name
_chem_comp.formula
GEN non-polymer GENISTEIN 'C15 H10 O5'
#
# COMPACT_ATOMS: atom_id res chain seq x y z
N LEU A 3 -4.56 2.91 29.13
CA LEU A 3 -3.56 1.83 28.85
C LEU A 3 -2.32 2.45 28.20
N SER A 4 -1.18 2.34 28.88
CA SER A 4 0.06 2.90 28.36
C SER A 4 0.53 2.15 27.12
N PRO A 5 1.35 2.81 26.28
CA PRO A 5 1.86 2.18 25.07
C PRO A 5 2.50 0.83 25.39
N GLU A 6 3.31 0.81 26.45
CA GLU A 6 4.00 -0.40 26.86
C GLU A 6 3.07 -1.57 27.16
N GLN A 7 1.94 -1.30 27.80
CA GLN A 7 1.01 -2.36 28.14
C GLN A 7 0.14 -2.79 26.97
N LEU A 8 -0.07 -1.87 26.03
CA LEU A 8 -0.86 -2.20 24.84
C LEU A 8 0.01 -3.16 24.03
N VAL A 9 1.30 -2.85 23.94
CA VAL A 9 2.22 -3.72 23.21
C VAL A 9 2.23 -5.10 23.85
N LEU A 10 2.07 -5.14 25.17
CA LEU A 10 2.04 -6.41 25.90
C LEU A 10 0.85 -7.23 25.45
N THR A 11 -0.33 -6.62 25.46
CA THR A 11 -1.53 -7.34 25.06
C THR A 11 -1.38 -7.88 23.65
N LEU A 12 -0.64 -7.17 22.80
CA LEU A 12 -0.43 -7.64 21.43
C LEU A 12 0.47 -8.89 21.47
N LEU A 13 1.41 -8.90 22.40
CA LEU A 13 2.29 -10.05 22.54
C LEU A 13 1.46 -11.25 22.97
N GLU A 14 0.44 -11.00 23.80
CA GLU A 14 -0.43 -12.05 24.31
C GLU A 14 -1.47 -12.48 23.29
N ALA A 15 -1.71 -11.63 22.30
CA ALA A 15 -2.68 -11.92 21.26
C ALA A 15 -2.01 -12.75 20.16
N GLU A 16 -0.69 -12.85 20.23
CA GLU A 16 0.07 -13.60 19.24
C GLU A 16 -0.45 -15.02 19.06
N PRO A 17 -0.67 -15.43 17.81
CA PRO A 17 -1.17 -16.77 17.52
C PRO A 17 -0.07 -17.81 17.74
N PRO A 18 -0.45 -19.07 18.01
CA PRO A 18 0.54 -20.12 18.23
C PRO A 18 1.23 -20.52 16.94
N HIS A 19 2.41 -21.12 17.04
CA HIS A 19 3.15 -21.55 15.87
C HIS A 19 2.36 -22.67 15.18
N VAL A 20 2.24 -22.58 13.87
CA VAL A 20 1.48 -23.55 13.10
C VAL A 20 2.33 -24.43 12.18
N LEU A 21 1.95 -25.70 12.08
CA LEU A 21 2.64 -26.65 11.22
C LEU A 21 1.58 -27.36 10.39
N ILE A 22 1.95 -27.75 9.17
CA ILE A 22 1.00 -28.43 8.29
C ILE A 22 1.05 -29.95 8.43
N SER A 23 1.84 -30.43 9.38
CA SER A 23 1.98 -31.87 9.62
C SER A 23 2.37 -32.61 8.34
N ARG A 24 3.43 -32.12 7.69
CA ARG A 24 3.92 -32.71 6.46
C ARG A 24 5.36 -33.22 6.62
N PRO A 25 5.59 -34.51 6.32
CA PRO A 25 6.93 -35.11 6.42
C PRO A 25 7.89 -34.55 5.37
N SER A 26 9.10 -34.21 5.80
CA SER A 26 10.12 -33.66 4.91
C SER A 26 10.15 -34.40 3.57
N ALA A 27 10.26 -33.63 2.49
CA ALA A 27 10.31 -34.19 1.14
C ALA A 27 10.29 -33.07 0.10
N PRO A 28 10.77 -33.36 -1.12
CA PRO A 28 10.80 -32.36 -2.19
C PRO A 28 9.39 -31.88 -2.50
N PHE A 29 9.29 -30.67 -3.02
CA PHE A 29 8.00 -30.09 -3.35
C PHE A 29 7.69 -30.13 -4.84
N THR A 30 6.52 -30.66 -5.16
CA THR A 30 6.06 -30.72 -6.54
C THR A 30 5.08 -29.58 -6.63
N GLU A 31 4.55 -29.29 -7.82
CA GLU A 31 3.60 -28.19 -7.95
C GLU A 31 2.36 -28.42 -7.09
N ALA A 32 1.84 -29.64 -7.09
CA ALA A 32 0.65 -29.97 -6.33
C ALA A 32 0.85 -29.94 -4.81
N SER A 33 1.96 -30.50 -4.34
CA SER A 33 2.23 -30.52 -2.90
C SER A 33 2.51 -29.12 -2.35
N MET A 34 3.23 -28.30 -3.11
CA MET A 34 3.54 -26.95 -2.66
C MET A 34 2.26 -26.12 -2.49
N MET A 35 1.46 -26.05 -3.55
CA MET A 35 0.22 -25.28 -3.51
C MET A 35 -0.81 -25.77 -2.52
N MET A 36 -0.91 -27.08 -2.34
CA MET A 36 -1.87 -27.61 -1.38
C MET A 36 -1.33 -27.29 0.02
N SER A 37 -0.01 -27.28 0.16
CA SER A 37 0.63 -26.96 1.43
C SER A 37 0.43 -25.50 1.82
N LEU A 38 0.64 -24.60 0.85
CA LEU A 38 0.47 -23.17 1.10
C LEU A 38 -0.99 -22.84 1.42
N THR A 39 -1.92 -23.46 0.71
CA THR A 39 -3.35 -23.22 0.95
C THR A 39 -3.80 -23.82 2.26
N LYS A 40 -3.35 -25.03 2.56
CA LYS A 40 -3.72 -25.67 3.82
C LYS A 40 -3.18 -24.85 4.99
N LEU A 41 -1.94 -24.40 4.89
CA LEU A 41 -1.34 -23.58 5.95
C LEU A 41 -2.08 -22.27 6.17
N ALA A 42 -2.41 -21.58 5.07
CA ALA A 42 -3.13 -20.32 5.15
C ALA A 42 -4.46 -20.48 5.87
N ASP A 43 -5.16 -21.58 5.56
CA ASP A 43 -6.45 -21.85 6.19
C ASP A 43 -6.31 -22.02 7.70
N LYS A 44 -5.30 -22.76 8.15
CA LYS A 44 -5.11 -22.95 9.57
C LYS A 44 -4.80 -21.62 10.25
N GLU A 45 -3.89 -20.85 9.66
CA GLU A 45 -3.50 -19.55 10.22
C GLU A 45 -4.67 -18.56 10.29
N LEU A 46 -5.57 -18.63 9.32
CA LEU A 46 -6.73 -17.73 9.30
C LEU A 46 -7.56 -17.93 10.57
N VAL A 47 -7.69 -19.17 11.00
CA VAL A 47 -8.44 -19.48 12.22
C VAL A 47 -7.78 -18.75 13.39
N HIS A 48 -6.47 -18.89 13.50
CA HIS A 48 -5.72 -18.23 14.57
C HIS A 48 -5.67 -16.72 14.44
N MET A 49 -5.79 -16.22 13.21
CA MET A 49 -5.77 -14.77 12.97
C MET A 49 -7.03 -14.13 13.56
N ILE A 50 -8.15 -14.80 13.41
CA ILE A 50 -9.42 -14.30 13.95
C ILE A 50 -9.34 -14.17 15.48
N SER A 51 -8.82 -15.20 16.14
CA SER A 51 -8.68 -15.18 17.60
C SER A 51 -7.71 -14.07 18.00
N TRP A 52 -6.66 -13.90 17.21
CA TRP A 52 -5.65 -12.86 17.45
C TRP A 52 -6.30 -11.48 17.47
N ALA A 53 -7.04 -11.16 16.41
CA ALA A 53 -7.71 -9.88 16.27
C ALA A 53 -8.63 -9.56 17.44
N LYS A 54 -9.35 -10.58 17.90
CA LYS A 54 -10.27 -10.40 19.02
C LYS A 54 -9.55 -10.10 20.33
N LYS A 55 -8.28 -10.49 20.42
CA LYS A 55 -7.50 -10.23 21.63
C LYS A 55 -6.87 -8.84 21.58
N ILE A 56 -7.18 -8.09 20.53
CA ILE A 56 -6.67 -6.74 20.40
C ILE A 56 -7.67 -5.84 21.10
N PRO A 57 -7.24 -5.20 22.20
CA PRO A 57 -8.09 -4.31 22.99
C PRO A 57 -9.02 -3.46 22.14
N GLY A 58 -10.32 -3.60 22.39
CA GLY A 58 -11.30 -2.82 21.66
C GLY A 58 -11.79 -3.36 20.34
N PHE A 59 -11.11 -4.37 19.79
CA PHE A 59 -11.54 -4.90 18.50
C PHE A 59 -12.97 -5.44 18.50
N VAL A 60 -13.34 -6.16 19.56
CA VAL A 60 -14.69 -6.73 19.64
C VAL A 60 -15.73 -5.66 19.94
N GLU A 61 -15.30 -4.42 20.14
CA GLU A 61 -16.20 -3.32 20.43
C GLU A 61 -16.72 -2.75 19.12
N LEU A 62 -15.96 -3.02 18.06
CA LEU A 62 -16.31 -2.55 16.72
C LEU A 62 -17.59 -3.28 16.28
N SER A 63 -18.37 -2.63 15.41
CA SER A 63 -19.59 -3.25 14.92
C SER A 63 -19.16 -4.47 14.14
N LEU A 64 -19.99 -5.51 14.18
CA LEU A 64 -19.68 -6.77 13.49
C LEU A 64 -19.32 -6.51 12.03
N PHE A 65 -19.95 -5.52 11.42
CA PHE A 65 -19.69 -5.19 10.02
C PHE A 65 -18.25 -4.72 9.83
N ASP A 66 -17.74 -3.93 10.76
CA ASP A 66 -16.36 -3.45 10.66
C ASP A 66 -15.35 -4.55 10.88
N GLN A 67 -15.56 -5.36 11.92
CA GLN A 67 -14.65 -6.46 12.21
C GLN A 67 -14.49 -7.34 10.97
N VAL A 68 -15.61 -7.66 10.32
CA VAL A 68 -15.61 -8.50 9.13
C VAL A 68 -14.91 -7.84 7.93
N ARG A 69 -15.23 -6.57 7.67
CA ARG A 69 -14.61 -5.86 6.55
C ARG A 69 -13.11 -5.68 6.73
N LEU A 70 -12.68 -5.45 7.97
CA LEU A 70 -11.25 -5.26 8.23
C LEU A 70 -10.46 -6.54 7.94
N LEU A 71 -10.92 -7.66 8.47
CA LEU A 71 -10.25 -8.93 8.26
C LEU A 71 -10.35 -9.46 6.83
N GLU A 72 -11.51 -9.31 6.20
CA GLU A 72 -11.69 -9.78 4.83
C GLU A 72 -10.75 -9.06 3.85
N SER A 73 -10.35 -7.84 4.19
CA SER A 73 -9.48 -7.09 3.31
C SER A 73 -7.97 -7.20 3.58
N CYS A 74 -7.59 -7.40 4.83
CA CYS A 74 -6.18 -7.46 5.18
C CYS A 74 -5.58 -8.84 5.45
N TRP A 75 -6.41 -9.88 5.56
CA TRP A 75 -5.90 -11.20 5.89
C TRP A 75 -4.62 -11.65 5.20
N MET A 76 -4.54 -11.51 3.88
CA MET A 76 -3.33 -11.94 3.19
C MET A 76 -2.10 -11.13 3.60
N GLU A 77 -2.27 -9.81 3.76
CA GLU A 77 -1.14 -8.97 4.15
C GLU A 77 -0.62 -9.36 5.52
N VAL A 78 -1.53 -9.69 6.43
CA VAL A 78 -1.17 -10.08 7.78
C VAL A 78 -0.44 -11.42 7.75
N LEU A 79 -0.88 -12.32 6.89
CA LEU A 79 -0.22 -13.63 6.76
C LEU A 79 1.22 -13.41 6.26
N MET A 80 1.38 -12.57 5.25
CA MET A 80 2.70 -12.32 4.70
C MET A 80 3.59 -11.51 5.62
N MET A 81 2.99 -10.69 6.49
CA MET A 81 3.80 -9.93 7.44
C MET A 81 4.35 -10.93 8.45
N GLY A 82 3.55 -11.94 8.77
CA GLY A 82 3.99 -12.95 9.71
C GLY A 82 5.07 -13.80 9.06
N LEU A 83 4.88 -14.08 7.76
CA LEU A 83 5.84 -14.86 7.00
C LEU A 83 7.19 -14.17 6.98
N MET A 84 7.18 -12.84 6.84
CA MET A 84 8.42 -12.07 6.78
C MET A 84 9.15 -12.00 8.11
N TRP A 85 8.40 -11.96 9.21
CA TRP A 85 9.04 -11.90 10.52
C TRP A 85 9.66 -13.26 10.85
N ARG A 86 9.04 -14.33 10.38
CA ARG A 86 9.56 -15.67 10.63
C ARG A 86 10.81 -15.95 9.79
N SER A 87 10.92 -15.29 8.64
CA SER A 87 12.05 -15.48 7.72
C SER A 87 13.19 -14.48 7.95
N ILE A 88 13.00 -13.54 8.87
CA ILE A 88 14.00 -12.52 9.15
C ILE A 88 15.42 -13.07 9.38
N ASP A 89 15.55 -14.12 10.18
CA ASP A 89 16.85 -14.71 10.47
C ASP A 89 17.33 -15.78 9.50
N HIS A 90 16.53 -16.07 8.48
CA HIS A 90 16.91 -17.10 7.51
C HIS A 90 16.99 -16.50 6.12
N PRO A 91 18.03 -15.71 5.84
CA PRO A 91 18.21 -15.08 4.53
C PRO A 91 18.15 -16.06 3.36
N GLY A 92 17.43 -15.67 2.32
CA GLY A 92 17.28 -16.51 1.15
C GLY A 92 16.21 -17.57 1.28
N LYS A 93 15.53 -17.60 2.42
CA LYS A 93 14.49 -18.61 2.64
C LYS A 93 13.18 -18.00 3.13
N LEU A 94 12.08 -18.68 2.83
CA LEU A 94 10.76 -18.24 3.25
C LEU A 94 10.21 -19.26 4.23
N ILE A 95 10.15 -18.87 5.50
CA ILE A 95 9.68 -19.75 6.55
C ILE A 95 8.16 -19.66 6.73
N PHE A 96 7.42 -20.27 5.81
CA PHE A 96 5.97 -20.25 5.91
C PHE A 96 5.59 -20.99 7.19
N ALA A 97 6.36 -22.03 7.49
CA ALA A 97 6.13 -22.83 8.68
C ALA A 97 7.34 -23.75 8.89
N PRO A 98 7.49 -24.29 10.10
CA PRO A 98 8.61 -25.18 10.41
C PRO A 98 8.77 -26.29 9.37
N ASP A 99 7.66 -26.91 8.99
CA ASP A 99 7.68 -27.97 8.00
C ASP A 99 7.33 -27.49 6.59
N LEU A 100 7.48 -26.19 6.35
CA LEU A 100 7.21 -25.60 5.05
C LEU A 100 8.18 -24.47 4.78
N VAL A 101 9.44 -24.84 4.54
CA VAL A 101 10.50 -23.87 4.25
C VAL A 101 10.79 -23.97 2.76
N LEU A 102 10.63 -22.86 2.05
CA LEU A 102 10.84 -22.85 0.62
C LEU A 102 11.98 -21.94 0.16
N ASP A 103 12.48 -22.23 -1.04
CA ASP A 103 13.56 -21.45 -1.63
C ASP A 103 13.05 -20.75 -2.89
N ARG A 104 13.81 -19.78 -3.38
CA ARG A 104 13.42 -19.04 -4.57
C ARG A 104 13.32 -19.95 -5.79
N ASP A 105 14.28 -20.86 -5.94
CA ASP A 105 14.29 -21.78 -7.07
C ASP A 105 13.18 -22.82 -7.00
N GLU A 106 12.73 -23.14 -5.79
CA GLU A 106 11.67 -24.13 -5.62
C GLU A 106 10.31 -23.55 -5.99
N GLY A 107 10.26 -22.24 -6.15
CA GLY A 107 9.01 -21.59 -6.52
C GLY A 107 8.89 -21.49 -8.02
N LYS A 108 9.80 -22.16 -8.73
CA LYS A 108 9.80 -22.13 -10.19
C LYS A 108 8.89 -23.20 -10.80
N CYS A 109 8.58 -24.24 -10.03
CA CYS A 109 7.73 -25.30 -10.53
C CYS A 109 6.27 -24.86 -10.60
N VAL A 110 6.00 -23.63 -10.15
CA VAL A 110 4.66 -23.09 -10.18
C VAL A 110 4.73 -21.76 -10.92
N GLU A 111 4.05 -21.67 -12.06
CA GLU A 111 4.06 -20.48 -12.87
C GLU A 111 3.48 -19.25 -12.16
N GLY A 112 4.24 -18.16 -12.20
CA GLY A 112 3.80 -16.93 -11.59
C GLY A 112 4.03 -16.71 -10.09
N ILE A 113 4.54 -17.79 -9.47
CA ILE A 113 4.73 -17.71 -8.05
C ILE A 113 6.15 -17.22 -7.71
N LEU A 114 7.03 -17.49 -8.70
CA LEU A 114 8.41 -17.05 -8.50
C LEU A 114 8.48 -15.52 -8.36
N GLU A 115 7.60 -14.85 -9.09
CA GLU A 115 7.48 -13.41 -9.04
C GLU A 115 7.26 -13.02 -7.58
N ILE A 116 6.26 -13.71 -7.00
CA ILE A 116 5.97 -13.44 -5.61
C ILE A 116 6.95 -13.79 -4.45
N PHE A 117 7.70 -14.87 -4.74
CA PHE A 117 8.69 -15.29 -3.79
C PHE A 117 9.74 -14.19 -3.83
N ASP A 118 10.07 -13.66 -5.00
CA ASP A 118 11.11 -12.64 -5.07
C ASP A 118 10.68 -11.40 -4.29
N MET A 119 9.41 -11.04 -4.40
CA MET A 119 8.89 -9.87 -3.69
C MET A 119 8.94 -10.07 -2.17
N LEU A 120 8.56 -11.27 -1.74
CA LEU A 120 8.55 -11.59 -0.33
C LEU A 120 9.96 -11.61 0.24
N LEU A 121 10.91 -12.04 -0.59
CA LEU A 121 12.31 -12.11 -0.16
C LEU A 121 12.97 -10.74 -0.10
N ALA A 122 12.63 -9.86 -1.03
CA ALA A 122 13.20 -8.53 -1.06
C ALA A 122 12.71 -7.72 0.15
N THR A 123 11.42 -7.73 0.39
CA THR A 123 10.84 -7.00 1.51
C THR A 123 11.38 -7.56 2.83
N THR A 124 11.47 -8.89 2.91
CA THR A 124 12.00 -9.54 4.11
C THR A 124 13.44 -9.07 4.30
N SER A 125 14.19 -9.08 3.20
CA SER A 125 15.58 -8.64 3.24
C SER A 125 15.64 -7.18 3.71
N ARG A 126 14.66 -6.38 3.30
CA ARG A 126 14.65 -4.99 3.71
C ARG A 126 14.43 -4.87 5.22
N PHE A 127 13.43 -5.58 5.76
CA PHE A 127 13.18 -5.53 7.19
C PHE A 127 14.42 -6.01 7.95
N ARG A 128 15.13 -6.96 7.35
CA ARG A 128 16.35 -7.51 7.93
C ARG A 128 17.41 -6.43 8.11
N GLU A 129 17.64 -5.64 7.05
CA GLU A 129 18.61 -4.57 7.09
C GLU A 129 18.30 -3.58 8.20
N LEU A 130 17.03 -3.22 8.32
CA LEU A 130 16.58 -2.27 9.34
C LEU A 130 16.56 -2.92 10.72
N LYS A 131 16.79 -4.23 10.76
CA LYS A 131 16.79 -4.97 12.01
C LYS A 131 15.46 -4.79 12.74
N LEU A 132 14.37 -5.17 12.08
CA LEU A 132 13.04 -5.08 12.66
C LEU A 132 12.99 -5.81 14.00
N GLN A 133 12.44 -5.15 15.02
CA GLN A 133 12.34 -5.75 16.35
C GLN A 133 10.98 -6.40 16.55
N HIS A 134 10.92 -7.39 17.42
CA HIS A 134 9.69 -8.11 17.69
C HIS A 134 8.54 -7.15 18.00
N LYS A 135 8.75 -6.26 18.96
CA LYS A 135 7.73 -5.31 19.35
C LYS A 135 7.29 -4.40 18.20
N GLU A 136 8.21 -4.09 17.28
CA GLU A 136 7.86 -3.25 16.15
C GLU A 136 6.95 -4.09 15.24
N TYR A 137 7.30 -5.36 15.10
CA TYR A 137 6.54 -6.29 14.29
C TYR A 137 5.11 -6.38 14.82
N LEU A 138 4.97 -6.46 16.14
CA LEU A 138 3.65 -6.56 16.75
C LEU A 138 2.76 -5.37 16.41
N CYS A 139 3.31 -4.16 16.51
CA CYS A 139 2.54 -2.97 16.21
C CYS A 139 2.17 -2.87 14.72
N VAL A 140 3.16 -3.08 13.86
CA VAL A 140 2.94 -3.01 12.43
C VAL A 140 1.81 -3.94 11.99
N LYS A 141 1.87 -5.20 12.41
CA LYS A 141 0.84 -6.18 12.05
C LYS A 141 -0.52 -5.69 12.52
N ALA A 142 -0.56 -5.12 13.72
CA ALA A 142 -1.82 -4.62 14.27
C ALA A 142 -2.31 -3.46 13.41
N MET A 143 -1.40 -2.59 13.01
CA MET A 143 -1.75 -1.44 12.19
C MET A 143 -2.26 -1.86 10.82
N ILE A 144 -1.70 -2.93 10.27
CA ILE A 144 -2.14 -3.43 8.96
C ILE A 144 -3.64 -3.76 9.02
N LEU A 145 -4.05 -4.41 10.11
CA LEU A 145 -5.46 -4.76 10.29
C LEU A 145 -6.35 -3.55 10.49
N LEU A 146 -5.92 -2.62 11.34
CA LEU A 146 -6.72 -1.44 11.64
C LEU A 146 -6.70 -0.31 10.61
N ASN A 147 -5.80 -0.38 9.63
CA ASN A 147 -5.72 0.66 8.62
C ASN A 147 -6.22 0.20 7.24
N SER A 148 -6.91 -0.93 7.20
CA SER A 148 -7.42 -1.48 5.93
C SER A 148 -8.86 -1.06 5.61
N SER A 149 -9.31 0.06 6.17
CA SER A 149 -10.68 0.53 5.92
C SER A 149 -10.81 1.29 4.60
N MET A 150 -11.01 0.55 3.52
CA MET A 150 -11.14 1.18 2.20
C MET A 150 -12.59 1.47 1.85
N ASP A 161 -20.43 5.74 15.19
CA ASP A 161 -20.04 5.26 16.51
C ASP A 161 -18.88 4.27 16.45
N SER A 162 -18.99 3.32 15.50
CA SER A 162 -17.94 2.32 15.36
C SER A 162 -16.67 2.93 14.75
N SER A 163 -16.88 3.91 13.88
CA SER A 163 -15.81 4.57 13.16
C SER A 163 -14.85 5.29 14.11
N ARG A 164 -15.40 6.01 15.09
CA ARG A 164 -14.57 6.71 16.06
C ARG A 164 -13.75 5.69 16.83
N LYS A 165 -14.39 4.57 17.16
CA LYS A 165 -13.75 3.49 17.89
C LYS A 165 -12.51 3.01 17.14
N LEU A 166 -12.63 2.89 15.81
CA LEU A 166 -11.54 2.43 14.97
C LEU A 166 -10.36 3.39 15.01
N ALA A 167 -10.62 4.65 14.66
CA ALA A 167 -9.59 5.68 14.65
C ALA A 167 -8.87 5.76 15.99
N HIS A 168 -9.62 5.60 17.07
CA HIS A 168 -9.05 5.66 18.41
C HIS A 168 -8.10 4.48 18.61
N LEU A 169 -8.50 3.32 18.09
CA LEU A 169 -7.70 2.10 18.22
C LEU A 169 -6.46 2.20 17.35
N LEU A 170 -6.64 2.61 16.10
CA LEU A 170 -5.51 2.75 15.19
C LEU A 170 -4.52 3.73 15.80
N ASN A 171 -5.04 4.82 16.36
CA ASN A 171 -4.20 5.83 16.99
C ASN A 171 -3.40 5.26 18.16
N ALA A 172 -4.06 4.43 18.97
CA ALA A 172 -3.39 3.82 20.12
C ALA A 172 -2.22 2.94 19.65
N VAL A 173 -2.46 2.13 18.63
CA VAL A 173 -1.41 1.26 18.11
C VAL A 173 -0.26 2.10 17.52
N THR A 174 -0.61 3.15 16.78
CA THR A 174 0.39 4.02 16.20
C THR A 174 1.22 4.61 17.33
N ASP A 175 0.54 5.00 18.39
CA ASP A 175 1.18 5.56 19.57
C ASP A 175 2.10 4.54 20.23
N ALA A 176 1.77 3.25 20.08
CA ALA A 176 2.59 2.20 20.67
C ALA A 176 3.86 1.96 19.85
N LEU A 177 3.74 2.07 18.52
CA LEU A 177 4.88 1.89 17.64
C LEU A 177 5.90 3.01 17.88
N VAL A 178 5.40 4.23 18.04
CA VAL A 178 6.25 5.39 18.29
C VAL A 178 6.99 5.17 19.60
N TRP A 179 6.30 4.59 20.57
CA TRP A 179 6.91 4.30 21.86
C TRP A 179 8.06 3.28 21.70
N VAL A 180 7.77 2.19 21.02
CA VAL A 180 8.80 1.15 20.81
C VAL A 180 10.08 1.78 20.24
N ILE A 181 9.91 2.56 19.19
CA ILE A 181 11.03 3.21 18.54
C ILE A 181 11.77 4.12 19.53
N ALA A 182 11.01 4.81 20.37
CA ALA A 182 11.60 5.71 21.35
C ALA A 182 12.50 5.00 22.36
N LYS A 183 12.16 3.76 22.70
CA LYS A 183 12.94 2.99 23.66
C LYS A 183 14.26 2.51 23.08
N SER A 184 14.33 2.42 21.76
CA SER A 184 15.55 1.96 21.08
C SER A 184 16.77 2.75 21.54
N GLY A 185 16.55 4.00 21.96
CA GLY A 185 17.62 4.84 22.43
C GLY A 185 18.39 5.60 21.36
N ILE A 186 17.84 5.66 20.15
CA ILE A 186 18.52 6.36 19.06
C ILE A 186 18.09 7.82 18.96
N SER A 187 18.87 8.57 18.18
CA SER A 187 18.61 9.99 17.94
C SER A 187 17.14 10.22 17.56
N SER A 188 16.62 11.39 17.91
CA SER A 188 15.23 11.75 17.60
C SER A 188 15.06 11.77 16.08
N GLN A 189 16.05 12.33 15.39
CA GLN A 189 16.01 12.40 13.93
C GLN A 189 15.94 10.98 13.38
N GLN A 190 16.68 10.08 14.00
CA GLN A 190 16.71 8.69 13.55
C GLN A 190 15.45 7.92 13.94
N GLN A 191 14.73 8.42 14.93
CA GLN A 191 13.49 7.78 15.35
C GLN A 191 12.42 8.07 14.31
N SER A 192 12.42 9.29 13.80
CA SER A 192 11.47 9.70 12.78
C SER A 192 11.77 8.97 11.47
N MET A 193 13.06 8.88 11.13
CA MET A 193 13.48 8.21 9.90
C MET A 193 13.17 6.71 9.94
N ARG A 194 13.27 6.10 11.12
CA ARG A 194 12.99 4.68 11.27
C ARG A 194 11.49 4.44 11.15
N LEU A 195 10.70 5.31 11.79
CA LEU A 195 9.26 5.23 11.77
C LEU A 195 8.76 5.34 10.33
N ALA A 196 9.30 6.28 9.58
CA ALA A 196 8.91 6.47 8.19
C ALA A 196 9.30 5.29 7.33
N ASN A 197 10.48 4.73 7.56
CA ASN A 197 10.94 3.60 6.78
C ASN A 197 10.18 2.31 7.05
N LEU A 198 9.78 2.11 8.31
CA LEU A 198 9.02 0.92 8.64
C LEU A 198 7.64 1.05 7.98
N LEU A 199 7.04 2.22 8.12
CA LEU A 199 5.72 2.45 7.55
C LEU A 199 5.69 2.37 6.02
N MET A 200 6.77 2.79 5.38
CA MET A 200 6.81 2.74 3.92
C MET A 200 6.94 1.32 3.41
N LEU A 201 7.55 0.44 4.21
CA LEU A 201 7.69 -0.94 3.78
C LEU A 201 6.34 -1.64 3.74
N LEU A 202 5.33 -1.04 4.36
CA LEU A 202 4.00 -1.63 4.36
C LEU A 202 3.46 -1.68 2.94
N SER A 203 3.67 -0.61 2.18
CA SER A 203 3.22 -0.55 0.80
C SER A 203 3.76 -1.77 0.05
N HIS A 204 4.96 -2.21 0.43
CA HIS A 204 5.62 -3.36 -0.20
C HIS A 204 4.97 -4.68 0.19
N VAL A 205 4.44 -4.74 1.42
CA VAL A 205 3.77 -5.94 1.93
C VAL A 205 2.41 -6.02 1.24
N ARG A 206 1.76 -4.87 1.13
CA ARG A 206 0.46 -4.75 0.49
C ARG A 206 0.55 -5.16 -0.99
N HIS A 207 1.62 -4.76 -1.65
CA HIS A 207 1.77 -5.10 -3.06
C HIS A 207 1.96 -6.61 -3.25
N ALA A 208 2.85 -7.21 -2.45
CA ALA A 208 3.11 -8.64 -2.54
C ALA A 208 1.81 -9.36 -2.19
N SER A 209 0.95 -8.68 -1.45
CA SER A 209 -0.33 -9.21 -1.03
C SER A 209 -1.31 -9.30 -2.18
N ASN A 210 -1.51 -8.18 -2.87
CA ASN A 210 -2.41 -8.14 -4.00
C ASN A 210 -1.99 -9.18 -5.03
N LYS A 211 -0.69 -9.30 -5.27
CA LYS A 211 -0.19 -10.26 -6.23
C LYS A 211 -0.43 -11.69 -5.74
N GLY A 212 -0.21 -11.90 -4.45
CA GLY A 212 -0.41 -13.22 -3.90
C GLY A 212 -1.86 -13.66 -4.00
N MET A 213 -2.80 -12.75 -3.81
CA MET A 213 -4.19 -13.13 -3.89
C MET A 213 -4.69 -13.26 -5.34
N GLU A 214 -4.13 -12.46 -6.24
CA GLU A 214 -4.50 -12.55 -7.66
C GLU A 214 -4.12 -13.94 -8.14
N HIS A 215 -2.95 -14.41 -7.70
CA HIS A 215 -2.45 -15.72 -8.06
C HIS A 215 -3.32 -16.83 -7.46
N LEU A 216 -3.70 -16.67 -6.20
CA LEU A 216 -4.54 -17.67 -5.54
C LEU A 216 -5.90 -17.76 -6.22
N LEU A 217 -6.50 -16.60 -6.50
CA LEU A 217 -7.79 -16.58 -7.17
C LEU A 217 -7.74 -17.35 -8.47
N ASN A 218 -6.64 -17.17 -9.22
CA ASN A 218 -6.48 -17.87 -10.48
C ASN A 218 -6.42 -19.37 -10.23
N MET A 219 -5.66 -19.76 -9.20
CA MET A 219 -5.53 -21.18 -8.85
C MET A 219 -6.87 -21.77 -8.44
N LYS A 220 -7.69 -20.98 -7.75
CA LYS A 220 -9.01 -21.44 -7.31
C LYS A 220 -9.92 -21.67 -8.50
N CYS A 221 -10.06 -20.65 -9.35
CA CYS A 221 -10.90 -20.74 -10.54
C CYS A 221 -10.59 -22.00 -11.35
N LYS A 222 -9.37 -22.52 -11.21
CA LYS A 222 -8.96 -23.70 -11.94
C LYS A 222 -9.04 -24.99 -11.11
N ASN A 223 -9.61 -24.89 -9.91
CA ASN A 223 -9.76 -26.04 -9.01
C ASN A 223 -8.49 -26.89 -8.94
N VAL A 224 -7.35 -26.22 -8.90
CA VAL A 224 -6.05 -26.90 -8.84
C VAL A 224 -5.63 -27.09 -7.39
N VAL A 225 -6.20 -26.29 -6.51
CA VAL A 225 -5.88 -26.38 -5.08
C VAL A 225 -7.14 -26.55 -4.26
N PRO A 226 -7.08 -27.41 -3.23
CA PRO A 226 -8.26 -27.61 -2.39
C PRO A 226 -8.46 -26.35 -1.54
N VAL A 227 -9.39 -25.50 -1.96
CA VAL A 227 -9.66 -24.26 -1.22
C VAL A 227 -10.63 -24.51 -0.08
N TYR A 228 -10.08 -24.80 1.10
CA TYR A 228 -10.85 -25.07 2.29
C TYR A 228 -11.86 -23.96 2.57
N ASP A 229 -12.90 -24.29 3.33
CA ASP A 229 -13.98 -23.38 3.67
C ASP A 229 -13.60 -21.96 4.12
N LEU A 230 -12.82 -21.83 5.19
CA LEU A 230 -12.44 -20.52 5.69
C LEU A 230 -11.63 -19.74 4.65
N LEU A 231 -10.68 -20.41 4.03
CA LEU A 231 -9.85 -19.79 3.01
C LEU A 231 -10.68 -19.29 1.82
N LEU A 232 -11.55 -20.17 1.31
CA LEU A 232 -12.40 -19.82 0.19
C LEU A 232 -13.24 -18.57 0.47
N GLU A 233 -13.90 -18.58 1.62
CA GLU A 233 -14.74 -17.47 2.04
C GLU A 233 -13.96 -16.17 2.05
N MET A 234 -12.79 -16.17 2.70
CA MET A 234 -11.95 -14.98 2.77
C MET A 234 -11.55 -14.54 1.37
N LEU A 235 -11.27 -15.53 0.51
CA LEU A 235 -10.88 -15.25 -0.86
C LEU A 235 -12.02 -14.60 -1.64
N ASN A 236 -13.17 -15.27 -1.70
CA ASN A 236 -14.33 -14.74 -2.42
C ASN A 236 -14.72 -13.35 -1.92
N ALA A 237 -14.74 -13.18 -0.61
CA ALA A 237 -15.10 -11.90 -0.01
C ALA A 237 -14.17 -10.80 -0.51
N LEU B 3 22.61 19.22 0.09
CA LEU B 3 21.21 19.67 -0.16
C LEU B 3 20.39 19.53 1.12
N SER B 4 20.09 20.65 1.77
CA SER B 4 19.32 20.64 3.00
C SER B 4 17.85 20.31 2.73
N PRO B 5 17.08 20.01 3.79
CA PRO B 5 15.66 19.68 3.63
C PRO B 5 14.90 20.83 2.95
N GLU B 6 15.14 22.06 3.41
CA GLU B 6 14.46 23.23 2.84
C GLU B 6 14.74 23.34 1.34
N GLN B 7 15.98 23.18 0.94
CA GLN B 7 16.34 23.27 -0.46
C GLN B 7 15.66 22.19 -1.28
N LEU B 8 15.54 21.00 -0.71
CA LEU B 8 14.89 19.89 -1.40
C LEU B 8 13.41 20.22 -1.56
N VAL B 9 12.82 20.79 -0.52
CA VAL B 9 11.41 21.17 -0.55
C VAL B 9 11.14 22.23 -1.60
N LEU B 10 11.90 23.31 -1.57
CA LEU B 10 11.74 24.39 -2.54
C LEU B 10 11.96 23.87 -3.96
N THR B 11 12.89 22.94 -4.11
CA THR B 11 13.18 22.34 -5.40
C THR B 11 11.95 21.57 -5.90
N LEU B 12 11.28 20.84 -4.99
CA LEU B 12 10.10 20.10 -5.38
C LEU B 12 8.96 21.07 -5.70
N LEU B 13 8.93 22.20 -5.00
CA LEU B 13 7.90 23.21 -5.21
C LEU B 13 8.03 23.76 -6.63
N GLU B 14 9.24 24.17 -7.01
CA GLU B 14 9.46 24.68 -8.36
C GLU B 14 9.11 23.62 -9.38
N ALA B 15 9.45 22.37 -9.06
CA ALA B 15 9.20 21.23 -9.95
C ALA B 15 7.74 20.85 -10.15
N GLU B 16 6.83 21.40 -9.33
CA GLU B 16 5.42 21.07 -9.48
C GLU B 16 4.97 21.28 -10.92
N PRO B 17 4.31 20.27 -11.51
CA PRO B 17 3.86 20.42 -12.89
C PRO B 17 2.71 21.44 -12.98
N PRO B 18 2.59 22.14 -14.11
CA PRO B 18 1.52 23.12 -14.28
C PRO B 18 0.21 22.36 -14.52
N HIS B 19 -0.90 22.91 -14.05
CA HIS B 19 -2.18 22.21 -14.23
C HIS B 19 -2.58 22.03 -15.67
N VAL B 20 -2.91 20.78 -16.03
CA VAL B 20 -3.33 20.45 -17.38
C VAL B 20 -4.76 20.91 -17.55
N LEU B 21 -5.05 21.60 -18.64
CA LEU B 21 -6.40 22.08 -18.89
C LEU B 21 -7.13 21.17 -19.87
N ILE B 22 -8.15 20.47 -19.38
CA ILE B 22 -8.95 19.60 -20.22
C ILE B 22 -10.36 20.15 -20.19
N SER B 23 -10.97 20.26 -21.36
CA SER B 23 -12.33 20.80 -21.48
C SER B 23 -13.39 19.74 -21.23
N ARG B 24 -14.39 20.12 -20.44
CA ARG B 24 -15.50 19.24 -20.11
C ARG B 24 -16.40 19.07 -21.33
N PRO B 25 -16.86 17.84 -21.60
CA PRO B 25 -17.73 17.64 -22.77
C PRO B 25 -18.98 18.51 -22.72
N SER B 26 -19.43 18.95 -23.89
CA SER B 26 -20.61 19.80 -24.00
C SER B 26 -21.85 19.15 -23.39
N ALA B 27 -22.20 17.97 -23.89
CA ALA B 27 -23.37 17.25 -23.41
C ALA B 27 -23.09 16.52 -22.09
N PRO B 28 -24.15 16.08 -21.39
CA PRO B 28 -23.96 15.37 -20.13
C PRO B 28 -23.08 14.15 -20.37
N PHE B 29 -22.28 13.79 -19.37
CA PHE B 29 -21.38 12.65 -19.48
C PHE B 29 -22.05 11.32 -19.84
N THR B 30 -21.37 10.55 -20.68
CA THR B 30 -21.82 9.22 -21.07
C THR B 30 -20.63 8.35 -20.68
N GLU B 31 -20.82 7.05 -20.60
CA GLU B 31 -19.74 6.15 -20.21
C GLU B 31 -18.49 6.39 -21.06
N ALA B 32 -18.70 6.61 -22.35
CA ALA B 32 -17.61 6.84 -23.30
C ALA B 32 -16.92 8.20 -23.17
N SER B 33 -17.70 9.28 -23.13
CA SER B 33 -17.11 10.62 -23.02
C SER B 33 -16.34 10.82 -21.72
N MET B 34 -16.77 10.18 -20.64
CA MET B 34 -16.08 10.34 -19.37
C MET B 34 -14.75 9.60 -19.39
N MET B 35 -14.76 8.37 -19.91
CA MET B 35 -13.54 7.57 -19.98
C MET B 35 -12.56 8.25 -20.92
N MET B 36 -13.11 8.92 -21.93
CA MET B 36 -12.30 9.61 -22.92
C MET B 36 -11.65 10.81 -22.22
N SER B 37 -12.43 11.53 -21.42
CA SER B 37 -11.91 12.70 -20.71
C SER B 37 -10.85 12.32 -19.68
N LEU B 38 -11.10 11.25 -18.93
CA LEU B 38 -10.15 10.81 -17.91
C LEU B 38 -8.87 10.26 -18.52
N THR B 39 -9.00 9.57 -19.65
CA THR B 39 -7.83 9.01 -20.31
C THR B 39 -6.99 10.09 -20.99
N LYS B 40 -7.65 11.01 -21.70
CA LYS B 40 -6.93 12.09 -22.35
C LYS B 40 -6.16 12.88 -21.30
N LEU B 41 -6.82 13.20 -20.19
CA LEU B 41 -6.20 13.96 -19.12
C LEU B 41 -4.99 13.23 -18.55
N ALA B 42 -5.14 11.94 -18.27
CA ALA B 42 -4.05 11.13 -17.74
C ALA B 42 -2.85 11.19 -18.69
N ASP B 43 -3.12 10.98 -19.98
CA ASP B 43 -2.08 11.01 -20.98
C ASP B 43 -1.25 12.30 -20.88
N LYS B 44 -1.95 13.43 -20.86
CA LYS B 44 -1.31 14.74 -20.76
C LYS B 44 -0.53 14.92 -19.45
N GLU B 45 -1.10 14.47 -18.34
CA GLU B 45 -0.43 14.59 -17.06
C GLU B 45 0.80 13.69 -17.00
N LEU B 46 0.72 12.52 -17.62
CA LEU B 46 1.85 11.59 -17.62
C LEU B 46 3.09 12.25 -18.22
N VAL B 47 2.89 13.09 -19.23
CA VAL B 47 4.01 13.77 -19.86
C VAL B 47 4.67 14.72 -18.87
N HIS B 48 3.84 15.47 -18.13
CA HIS B 48 4.38 16.41 -17.16
C HIS B 48 4.99 15.70 -15.97
N MET B 49 4.43 14.53 -15.63
CA MET B 49 4.94 13.74 -14.53
C MET B 49 6.38 13.30 -14.81
N ILE B 50 6.66 12.98 -16.06
CA ILE B 50 8.00 12.56 -16.45
C ILE B 50 8.98 13.70 -16.24
N SER B 51 8.57 14.92 -16.59
CA SER B 51 9.41 16.09 -16.41
C SER B 51 9.60 16.33 -14.92
N TRP B 52 8.51 16.24 -14.16
CA TRP B 52 8.55 16.42 -12.71
C TRP B 52 9.54 15.47 -12.06
N ALA B 53 9.51 14.21 -12.47
CA ALA B 53 10.41 13.20 -11.92
C ALA B 53 11.89 13.52 -12.12
N LYS B 54 12.25 13.96 -13.33
CA LYS B 54 13.64 14.29 -13.65
C LYS B 54 14.18 15.44 -12.80
N LYS B 55 13.28 16.16 -12.12
CA LYS B 55 13.67 17.26 -11.27
C LYS B 55 13.91 16.81 -9.83
N ILE B 56 13.35 15.68 -9.46
CA ILE B 56 13.55 15.17 -8.11
C ILE B 56 15.04 14.88 -7.99
N PRO B 57 15.74 15.60 -7.10
CA PRO B 57 17.17 15.45 -6.86
C PRO B 57 17.70 14.02 -6.81
N GLY B 58 18.61 13.70 -7.73
CA GLY B 58 19.20 12.38 -7.75
C GLY B 58 18.46 11.33 -8.57
N PHE B 59 17.24 11.66 -9.00
CA PHE B 59 16.45 10.71 -9.77
C PHE B 59 17.09 10.34 -11.11
N VAL B 60 17.61 11.34 -11.83
CA VAL B 60 18.23 11.09 -13.12
C VAL B 60 19.57 10.38 -12.98
N GLU B 61 20.03 10.25 -11.74
CA GLU B 61 21.29 9.58 -11.47
C GLU B 61 21.07 8.07 -11.40
N LEU B 62 19.84 7.66 -11.11
CA LEU B 62 19.52 6.24 -11.04
C LEU B 62 19.71 5.68 -12.45
N SER B 63 19.71 4.36 -12.57
CA SER B 63 19.87 3.74 -13.89
C SER B 63 18.55 3.91 -14.66
N LEU B 64 18.63 4.03 -15.98
CA LEU B 64 17.43 4.23 -16.77
C LEU B 64 16.34 3.23 -16.42
N PHE B 65 16.76 1.99 -16.16
CA PHE B 65 15.82 0.94 -15.84
C PHE B 65 15.12 1.15 -14.50
N ASP B 66 15.82 1.70 -13.51
CA ASP B 66 15.19 1.96 -12.23
C ASP B 66 14.15 3.06 -12.42
N GLN B 67 14.50 4.07 -13.22
CA GLN B 67 13.60 5.17 -13.50
C GLN B 67 12.31 4.66 -14.13
N VAL B 68 12.46 3.78 -15.12
CA VAL B 68 11.31 3.20 -15.80
C VAL B 68 10.46 2.38 -14.83
N ARG B 69 11.10 1.48 -14.09
CA ARG B 69 10.36 0.65 -13.16
C ARG B 69 9.60 1.47 -12.12
N LEU B 70 10.23 2.53 -11.60
CA LEU B 70 9.58 3.38 -10.61
C LEU B 70 8.34 4.06 -11.17
N LEU B 71 8.48 4.66 -12.36
CA LEU B 71 7.36 5.36 -12.99
C LEU B 71 6.23 4.42 -13.42
N GLU B 72 6.59 3.26 -13.96
CA GLU B 72 5.60 2.28 -14.40
C GLU B 72 4.80 1.76 -13.21
N SER B 73 5.50 1.60 -12.09
CA SER B 73 4.87 1.06 -10.90
C SER B 73 3.98 1.99 -10.08
N CYS B 74 4.22 3.30 -10.15
CA CYS B 74 3.44 4.23 -9.33
C CYS B 74 2.73 5.37 -10.05
N TRP B 75 2.72 5.37 -11.38
CA TRP B 75 2.11 6.49 -12.08
C TRP B 75 0.68 6.84 -11.69
N MET B 76 -0.19 5.84 -11.57
CA MET B 76 -1.58 6.11 -11.21
C MET B 76 -1.71 6.62 -9.78
N GLU B 77 -0.85 6.13 -8.89
CA GLU B 77 -0.88 6.56 -7.49
C GLU B 77 -0.48 8.02 -7.40
N VAL B 78 0.48 8.41 -8.24
CA VAL B 78 0.95 9.79 -8.26
C VAL B 78 -0.14 10.70 -8.81
N LEU B 79 -0.80 10.26 -9.87
CA LEU B 79 -1.88 11.04 -10.46
C LEU B 79 -2.99 11.27 -9.44
N MET B 80 -3.41 10.20 -8.77
CA MET B 80 -4.49 10.30 -7.80
C MET B 80 -4.13 11.10 -6.54
N MET B 81 -2.86 11.10 -6.18
CA MET B 81 -2.41 11.86 -5.01
C MET B 81 -2.60 13.32 -5.39
N GLY B 82 -2.31 13.62 -6.65
CA GLY B 82 -2.47 14.98 -7.14
C GLY B 82 -3.93 15.36 -7.15
N LEU B 83 -4.77 14.47 -7.66
CA LEU B 83 -6.21 14.71 -7.72
C LEU B 83 -6.75 15.08 -6.35
N MET B 84 -6.50 14.21 -5.37
CA MET B 84 -6.96 14.43 -4.01
C MET B 84 -6.52 15.78 -3.45
N TRP B 85 -5.27 16.16 -3.70
CA TRP B 85 -4.77 17.45 -3.23
C TRP B 85 -5.57 18.59 -3.85
N ARG B 86 -5.77 18.53 -5.16
CA ARG B 86 -6.52 19.56 -5.87
C ARG B 86 -7.96 19.67 -5.36
N SER B 87 -8.48 18.58 -4.80
CA SER B 87 -9.85 18.53 -4.29
C SER B 87 -9.93 18.73 -2.78
N ILE B 88 -8.77 18.96 -2.16
CA ILE B 88 -8.71 19.14 -0.71
C ILE B 88 -9.74 20.12 -0.17
N ASP B 89 -9.94 21.24 -0.85
CA ASP B 89 -10.90 22.26 -0.41
C ASP B 89 -12.27 22.19 -1.10
N HIS B 90 -12.72 20.99 -1.46
CA HIS B 90 -14.02 20.83 -2.12
C HIS B 90 -14.67 19.49 -1.79
N PRO B 91 -15.12 19.32 -0.53
CA PRO B 91 -15.76 18.05 -0.15
C PRO B 91 -16.86 17.64 -1.11
N GLY B 92 -16.96 16.33 -1.37
CA GLY B 92 -17.96 15.82 -2.28
C GLY B 92 -17.71 16.19 -3.73
N LYS B 93 -16.49 16.65 -4.03
CA LYS B 93 -16.14 17.06 -5.39
C LYS B 93 -14.72 16.62 -5.77
N LEU B 94 -14.57 16.12 -6.99
CA LEU B 94 -13.27 15.67 -7.49
C LEU B 94 -12.79 16.60 -8.59
N ILE B 95 -11.73 17.35 -8.30
CA ILE B 95 -11.17 18.30 -9.25
C ILE B 95 -10.07 17.68 -10.12
N PHE B 96 -10.47 17.02 -11.20
CA PHE B 96 -9.49 16.41 -12.09
C PHE B 96 -8.73 17.50 -12.81
N ALA B 97 -9.44 18.57 -13.16
CA ALA B 97 -8.83 19.71 -13.85
C ALA B 97 -9.70 20.93 -13.60
N PRO B 98 -9.14 22.14 -13.80
CA PRO B 98 -9.88 23.38 -13.60
C PRO B 98 -11.31 23.37 -14.15
N ASP B 99 -11.49 22.88 -15.38
CA ASP B 99 -12.83 22.84 -15.96
C ASP B 99 -13.40 21.44 -16.02
N LEU B 100 -12.91 20.56 -15.15
CA LEU B 100 -13.40 19.18 -15.11
C LEU B 100 -13.64 18.81 -13.66
N VAL B 101 -14.69 19.38 -13.08
CA VAL B 101 -15.08 19.13 -11.70
C VAL B 101 -16.20 18.09 -11.67
N LEU B 102 -15.82 16.83 -11.44
CA LEU B 102 -16.80 15.74 -11.42
C LEU B 102 -17.46 15.52 -10.08
N ASP B 103 -18.79 15.57 -10.08
CA ASP B 103 -19.56 15.34 -8.85
C ASP B 103 -19.52 13.83 -8.62
N ARG B 104 -19.58 13.42 -7.36
CA ARG B 104 -19.54 12.00 -7.03
C ARG B 104 -20.62 11.21 -7.77
N ASP B 105 -21.77 11.83 -7.96
CA ASP B 105 -22.90 11.19 -8.64
C ASP B 105 -22.66 10.90 -10.12
N GLU B 106 -22.04 11.84 -10.83
CA GLU B 106 -21.77 11.67 -12.25
C GLU B 106 -20.97 10.42 -12.57
N GLY B 107 -20.41 9.79 -11.54
CA GLY B 107 -19.63 8.59 -11.76
C GLY B 107 -20.53 7.39 -12.03
N LYS B 108 -21.84 7.62 -12.04
CA LYS B 108 -22.81 6.55 -12.27
C LYS B 108 -22.94 6.20 -13.75
N CYS B 109 -22.40 7.03 -14.62
CA CYS B 109 -22.48 6.76 -16.06
C CYS B 109 -21.43 5.74 -16.48
N VAL B 110 -20.44 5.52 -15.61
CA VAL B 110 -19.38 4.56 -15.90
C VAL B 110 -19.55 3.31 -15.03
N GLU B 111 -19.64 2.16 -15.69
CA GLU B 111 -19.83 0.90 -14.99
C GLU B 111 -18.70 0.55 -14.04
N GLY B 112 -18.94 0.71 -12.74
CA GLY B 112 -17.95 0.37 -11.74
C GLY B 112 -16.90 1.41 -11.40
N ILE B 113 -17.16 2.67 -11.73
CA ILE B 113 -16.18 3.72 -11.42
C ILE B 113 -16.58 4.47 -10.16
N LEU B 114 -17.85 4.42 -9.81
CA LEU B 114 -18.37 5.09 -8.62
C LEU B 114 -17.61 4.64 -7.37
N GLU B 115 -17.30 3.35 -7.32
CA GLU B 115 -16.57 2.79 -6.18
C GLU B 115 -15.24 3.53 -5.95
N ILE B 116 -14.55 3.72 -7.09
CA ILE B 116 -13.30 4.46 -7.00
C ILE B 116 -13.45 5.93 -6.60
N PHE B 117 -14.53 6.52 -7.14
CA PHE B 117 -14.79 7.89 -6.78
C PHE B 117 -15.05 8.00 -5.29
N ASP B 118 -15.69 6.99 -4.71
CA ASP B 118 -15.99 7.01 -3.28
C ASP B 118 -14.73 6.99 -2.44
N MET B 119 -13.86 6.03 -2.68
CA MET B 119 -12.63 5.95 -1.90
C MET B 119 -11.73 7.14 -2.14
N LEU B 120 -11.74 7.69 -3.36
CA LEU B 120 -10.92 8.86 -3.67
C LEU B 120 -11.41 10.03 -2.82
N LEU B 121 -12.72 10.14 -2.67
CA LEU B 121 -13.31 11.21 -1.88
C LEU B 121 -13.08 10.98 -0.39
N ALA B 122 -13.15 9.72 0.03
CA ALA B 122 -12.94 9.38 1.44
C ALA B 122 -11.53 9.74 1.86
N THR B 123 -10.56 9.24 1.09
CA THR B 123 -9.15 9.51 1.38
C THR B 123 -8.90 11.02 1.36
N THR B 124 -9.53 11.69 0.40
CA THR B 124 -9.40 13.14 0.27
C THR B 124 -9.87 13.80 1.55
N SER B 125 -10.97 13.27 2.11
CA SER B 125 -11.53 13.80 3.35
C SER B 125 -10.58 13.54 4.51
N ARG B 126 -9.90 12.39 4.47
CA ARG B 126 -8.97 12.05 5.52
C ARG B 126 -7.86 13.10 5.51
N PHE B 127 -7.34 13.42 4.33
CA PHE B 127 -6.29 14.41 4.20
C PHE B 127 -6.80 15.77 4.66
N ARG B 128 -8.06 16.07 4.32
CA ARG B 128 -8.68 17.33 4.72
C ARG B 128 -8.75 17.38 6.24
N GLU B 129 -9.14 16.25 6.83
CA GLU B 129 -9.27 16.10 8.27
C GLU B 129 -7.92 16.34 8.95
N LEU B 130 -6.86 15.80 8.34
CA LEU B 130 -5.51 15.97 8.88
C LEU B 130 -4.99 17.34 8.49
N LYS B 131 -5.74 18.02 7.63
CA LYS B 131 -5.36 19.35 7.16
C LYS B 131 -3.97 19.33 6.54
N LEU B 132 -3.77 18.41 5.59
CA LEU B 132 -2.50 18.26 4.88
C LEU B 132 -2.05 19.62 4.33
N GLN B 133 -0.77 19.92 4.49
CA GLN B 133 -0.24 21.19 3.99
C GLN B 133 0.49 20.99 2.66
N HIS B 134 0.59 22.07 1.90
CA HIS B 134 1.24 22.04 0.60
C HIS B 134 2.63 21.40 0.64
N LYS B 135 3.50 21.90 1.52
CA LYS B 135 4.86 21.37 1.63
C LYS B 135 4.93 19.89 2.01
N GLU B 136 3.97 19.44 2.83
CA GLU B 136 3.93 18.03 3.23
C GLU B 136 3.56 17.24 1.98
N TYR B 137 2.53 17.74 1.30
CA TYR B 137 2.04 17.15 0.07
C TYR B 137 3.16 16.91 -0.94
N LEU B 138 3.97 17.93 -1.18
CA LEU B 138 5.09 17.83 -2.11
C LEU B 138 5.99 16.64 -1.78
N CYS B 139 6.41 16.54 -0.52
CA CYS B 139 7.28 15.46 -0.07
C CYS B 139 6.65 14.08 -0.21
N VAL B 140 5.39 13.98 0.18
CA VAL B 140 4.65 12.72 0.12
C VAL B 140 4.54 12.20 -1.30
N LYS B 141 4.23 13.09 -2.24
CA LYS B 141 4.09 12.69 -3.64
C LYS B 141 5.41 12.15 -4.18
N ALA B 142 6.52 12.75 -3.74
CA ALA B 142 7.83 12.31 -4.19
C ALA B 142 8.17 10.98 -3.53
N MET B 143 7.73 10.81 -2.29
CA MET B 143 7.98 9.57 -1.58
C MET B 143 7.24 8.42 -2.26
N ILE B 144 6.05 8.71 -2.79
CA ILE B 144 5.28 7.70 -3.48
C ILE B 144 6.11 7.15 -4.65
N LEU B 145 6.74 8.04 -5.39
CA LEU B 145 7.56 7.63 -6.53
C LEU B 145 8.81 6.85 -6.10
N LEU B 146 9.56 7.41 -5.15
CA LEU B 146 10.79 6.77 -4.66
C LEU B 146 10.58 5.48 -3.87
N ASN B 147 9.41 5.32 -3.28
CA ASN B 147 9.10 4.13 -2.48
C ASN B 147 8.45 3.02 -3.28
N SER B 148 8.14 3.28 -4.55
CA SER B 148 7.51 2.26 -5.37
C SER B 148 8.54 1.29 -5.96
N SER B 149 9.57 0.96 -5.18
CA SER B 149 10.59 0.02 -5.62
C SER B 149 9.93 -1.35 -5.76
N MET B 150 8.67 -1.33 -6.15
CA MET B 150 7.88 -2.54 -6.34
C MET B 150 8.29 -3.17 -7.67
N ASP B 161 25.75 0.46 -7.38
CA ASP B 161 24.82 0.37 -6.26
C ASP B 161 23.69 1.38 -6.42
N SER B 162 22.96 1.29 -7.53
CA SER B 162 21.85 2.19 -7.80
C SER B 162 20.70 1.93 -6.84
N SER B 163 20.49 0.66 -6.50
CA SER B 163 19.43 0.28 -5.57
C SER B 163 19.77 0.90 -4.21
N ARG B 164 21.06 1.05 -3.96
CA ARG B 164 21.56 1.64 -2.72
C ARG B 164 21.35 3.15 -2.75
N LYS B 165 21.40 3.72 -3.96
CA LYS B 165 21.21 5.16 -4.14
C LYS B 165 19.73 5.52 -4.02
N LEU B 166 18.87 4.56 -4.36
CA LEU B 166 17.42 4.79 -4.27
C LEU B 166 17.05 5.00 -2.81
N ALA B 167 17.56 4.11 -1.95
CA ALA B 167 17.30 4.20 -0.51
C ALA B 167 17.72 5.55 0.03
N HIS B 168 18.86 6.04 -0.45
CA HIS B 168 19.39 7.33 0.00
C HIS B 168 18.51 8.51 -0.42
N LEU B 169 18.02 8.46 -1.67
CA LEU B 169 17.16 9.52 -2.17
C LEU B 169 15.85 9.54 -1.38
N LEU B 170 15.35 8.37 -1.03
CA LEU B 170 14.12 8.26 -0.27
C LEU B 170 14.28 8.83 1.14
N ASN B 171 15.44 8.64 1.75
CA ASN B 171 15.68 9.18 3.08
C ASN B 171 15.79 10.70 3.05
N ALA B 172 16.29 11.25 1.95
CA ALA B 172 16.44 12.70 1.83
C ALA B 172 15.07 13.37 1.79
N VAL B 173 14.14 12.78 1.04
CA VAL B 173 12.80 13.34 0.97
C VAL B 173 12.13 13.14 2.32
N THR B 174 12.24 11.93 2.86
CA THR B 174 11.65 11.64 4.16
C THR B 174 12.20 12.67 5.14
N ASP B 175 13.50 12.91 5.03
CA ASP B 175 14.18 13.87 5.88
C ASP B 175 13.56 15.25 5.70
N ALA B 176 13.15 15.58 4.47
CA ALA B 176 12.53 16.86 4.19
C ALA B 176 11.12 16.93 4.78
N LEU B 177 10.42 15.80 4.76
CA LEU B 177 9.07 15.76 5.31
C LEU B 177 9.14 16.01 6.82
N VAL B 178 10.10 15.38 7.48
CA VAL B 178 10.28 15.54 8.92
C VAL B 178 10.57 17.00 9.25
N TRP B 179 11.30 17.67 8.36
CA TRP B 179 11.64 19.08 8.55
C TRP B 179 10.40 19.94 8.43
N VAL B 180 9.58 19.66 7.42
CA VAL B 180 8.35 20.41 7.21
C VAL B 180 7.45 20.32 8.44
N ILE B 181 7.17 19.09 8.87
CA ILE B 181 6.33 18.87 10.03
C ILE B 181 6.87 19.53 11.29
N ALA B 182 8.19 19.53 11.44
CA ALA B 182 8.82 20.15 12.61
C ALA B 182 8.56 21.66 12.62
N LYS B 183 8.50 22.25 11.43
CA LYS B 183 8.27 23.68 11.30
C LYS B 183 6.85 24.07 11.67
N SER B 184 6.00 23.06 11.89
CA SER B 184 4.61 23.33 12.26
C SER B 184 4.62 23.73 13.73
N GLY B 185 5.71 23.41 14.41
CA GLY B 185 5.86 23.75 15.81
C GLY B 185 5.20 22.86 16.86
N ILE B 186 4.49 21.82 16.45
CA ILE B 186 3.84 20.95 17.42
C ILE B 186 4.88 20.14 18.17
N SER B 187 4.49 19.55 19.30
CA SER B 187 5.41 18.77 20.12
C SER B 187 6.09 17.65 19.35
N SER B 188 7.23 17.20 19.86
CA SER B 188 7.98 16.11 19.25
C SER B 188 7.11 14.87 19.10
N GLN B 189 6.29 14.60 20.12
CA GLN B 189 5.41 13.45 20.11
C GLN B 189 4.44 13.55 18.95
N GLN B 190 3.81 14.71 18.83
CA GLN B 190 2.83 14.96 17.77
C GLN B 190 3.47 14.95 16.39
N GLN B 191 4.74 15.35 16.31
CA GLN B 191 5.43 15.35 15.03
C GLN B 191 5.51 13.89 14.57
N SER B 192 5.88 13.00 15.48
CA SER B 192 5.96 11.59 15.16
C SER B 192 4.57 11.08 14.79
N MET B 193 3.59 11.51 15.55
CA MET B 193 2.20 11.10 15.33
C MET B 193 1.66 11.59 13.98
N ARG B 194 1.99 12.81 13.59
CA ARG B 194 1.53 13.34 12.30
C ARG B 194 2.25 12.63 11.15
N LEU B 195 3.52 12.32 11.33
CA LEU B 195 4.29 11.64 10.30
C LEU B 195 3.68 10.28 10.00
N ALA B 196 3.35 9.54 11.05
CA ALA B 196 2.75 8.22 10.91
C ALA B 196 1.39 8.31 10.26
N ASN B 197 0.57 9.28 10.68
CA ASN B 197 -0.76 9.44 10.12
C ASN B 197 -0.74 9.76 8.63
N LEU B 198 0.27 10.50 8.21
CA LEU B 198 0.38 10.87 6.81
C LEU B 198 0.78 9.66 5.98
N LEU B 199 1.79 8.93 6.45
CA LEU B 199 2.27 7.77 5.72
C LEU B 199 1.26 6.62 5.69
N MET B 200 0.51 6.45 6.79
CA MET B 200 -0.48 5.38 6.85
C MET B 200 -1.55 5.57 5.78
N LEU B 201 -1.60 6.74 5.16
CA LEU B 201 -2.59 6.99 4.12
C LEU B 201 -2.13 6.55 2.74
N LEU B 202 -0.83 6.31 2.59
CA LEU B 202 -0.30 5.89 1.29
C LEU B 202 -0.92 4.56 0.88
N SER B 203 -1.32 3.75 1.86
CA SER B 203 -1.94 2.47 1.57
C SER B 203 -3.27 2.72 0.85
N HIS B 204 -4.08 3.60 1.42
CA HIS B 204 -5.38 3.95 0.84
C HIS B 204 -5.23 4.51 -0.56
N VAL B 205 -4.27 5.40 -0.75
CA VAL B 205 -4.03 5.98 -2.07
C VAL B 205 -3.68 4.84 -3.02
N ARG B 206 -2.78 3.98 -2.58
CA ARG B 206 -2.35 2.84 -3.38
C ARG B 206 -3.54 1.96 -3.74
N HIS B 207 -4.41 1.69 -2.78
CA HIS B 207 -5.56 0.85 -3.04
C HIS B 207 -6.38 1.42 -4.20
N ALA B 208 -6.69 2.72 -4.11
CA ALA B 208 -7.45 3.38 -5.17
C ALA B 208 -6.71 3.28 -6.50
N SER B 209 -5.39 3.27 -6.42
CA SER B 209 -4.53 3.17 -7.59
C SER B 209 -4.74 1.81 -8.27
N ASN B 210 -4.68 0.75 -7.48
CA ASN B 210 -4.87 -0.61 -7.99
C ASN B 210 -6.26 -0.76 -8.60
N LYS B 211 -7.29 -0.30 -7.89
CA LYS B 211 -8.65 -0.40 -8.39
C LYS B 211 -8.84 0.48 -9.61
N GLY B 212 -8.08 1.57 -9.68
CA GLY B 212 -8.18 2.47 -10.81
C GLY B 212 -7.62 1.81 -12.07
N MET B 213 -6.42 1.25 -11.96
CA MET B 213 -5.78 0.59 -13.09
C MET B 213 -6.48 -0.68 -13.51
N GLU B 214 -7.02 -1.42 -12.54
CA GLU B 214 -7.73 -2.66 -12.84
C GLU B 214 -9.01 -2.28 -13.59
N HIS B 215 -9.57 -1.13 -13.26
CA HIS B 215 -10.80 -0.65 -13.91
C HIS B 215 -10.52 -0.11 -15.30
N LEU B 216 -9.31 0.38 -15.52
CA LEU B 216 -8.91 0.93 -16.82
C LEU B 216 -8.58 -0.20 -17.80
N LEU B 217 -7.86 -1.20 -17.31
CA LEU B 217 -7.50 -2.35 -18.14
C LEU B 217 -8.81 -3.00 -18.59
N ASN B 218 -9.76 -3.06 -17.67
CA ASN B 218 -11.06 -3.64 -17.93
C ASN B 218 -11.78 -2.88 -19.04
N MET B 219 -11.86 -1.55 -18.88
CA MET B 219 -12.54 -0.72 -19.88
C MET B 219 -11.86 -0.81 -21.25
N LYS B 220 -10.55 -1.02 -21.27
CA LYS B 220 -9.83 -1.14 -22.52
C LYS B 220 -10.25 -2.41 -23.26
N CYS B 221 -10.23 -3.53 -22.55
CA CYS B 221 -10.60 -4.82 -23.13
C CYS B 221 -12.06 -4.83 -23.61
N LYS B 222 -12.89 -4.02 -22.96
CA LYS B 222 -14.30 -3.92 -23.34
C LYS B 222 -14.46 -2.97 -24.53
N ASN B 223 -13.36 -2.36 -24.95
CA ASN B 223 -13.39 -1.43 -26.06
C ASN B 223 -14.26 -0.22 -25.72
N VAL B 224 -14.41 0.04 -24.42
CA VAL B 224 -15.21 1.16 -23.95
C VAL B 224 -14.60 2.45 -24.46
N VAL B 225 -13.27 2.48 -24.50
CA VAL B 225 -12.53 3.64 -25.00
C VAL B 225 -11.13 3.20 -25.41
N PRO B 226 -10.51 3.92 -26.36
CA PRO B 226 -9.17 3.58 -26.82
C PRO B 226 -8.10 3.90 -25.77
N VAL B 227 -7.03 3.11 -25.76
CA VAL B 227 -5.93 3.30 -24.82
C VAL B 227 -4.62 2.94 -25.51
N TYR B 228 -3.86 3.95 -25.94
CA TYR B 228 -2.61 3.69 -26.63
C TYR B 228 -1.46 4.61 -26.20
N ASP B 229 -0.39 4.57 -26.99
CA ASP B 229 0.79 5.39 -26.76
C ASP B 229 1.31 5.35 -25.32
N LEU B 230 1.52 6.52 -24.75
CA LEU B 230 2.03 6.62 -23.39
C LEU B 230 1.16 5.86 -22.41
N LEU B 231 -0.12 6.21 -22.36
CA LEU B 231 -1.06 5.58 -21.45
C LEU B 231 -1.02 4.06 -21.51
N LEU B 232 -1.15 3.49 -22.71
CA LEU B 232 -1.13 2.05 -22.86
C LEU B 232 0.15 1.45 -22.31
N GLU B 233 1.28 2.02 -22.72
CA GLU B 233 2.58 1.52 -22.25
C GLU B 233 2.63 1.50 -20.74
N MET B 234 2.15 2.56 -20.10
CA MET B 234 2.15 2.66 -18.65
C MET B 234 1.18 1.65 -18.04
N LEU B 235 0.09 1.38 -18.75
CA LEU B 235 -0.91 0.43 -18.26
C LEU B 235 -0.34 -0.99 -18.21
N ASN B 236 0.21 -1.46 -19.33
CA ASN B 236 0.80 -2.80 -19.39
C ASN B 236 2.09 -2.90 -18.59
N ALA B 237 2.83 -1.80 -18.57
CA ALA B 237 4.10 -1.73 -17.87
C ALA B 237 3.98 -2.17 -16.41
N HIS C 4 -19.82 -18.11 5.84
CA HIS C 4 -20.08 -17.48 7.17
C HIS C 4 -19.14 -18.02 8.24
N LYS C 5 -18.05 -18.66 7.81
CA LYS C 5 -17.07 -19.21 8.73
C LYS C 5 -16.47 -18.12 9.62
N LEU C 6 -16.10 -17.01 9.00
CA LEU C 6 -15.51 -15.87 9.71
C LEU C 6 -16.39 -15.35 10.86
N VAL C 7 -17.66 -15.12 10.57
CA VAL C 7 -18.56 -14.60 11.58
C VAL C 7 -18.77 -15.52 12.78
N GLN C 8 -18.91 -16.83 12.55
CA GLN C 8 -19.11 -17.74 13.66
C GLN C 8 -17.88 -17.78 14.57
N LEU C 9 -16.70 -17.56 14.02
CA LEU C 9 -15.48 -17.57 14.81
C LEU C 9 -15.31 -16.23 15.52
N LEU C 10 -15.93 -15.20 14.98
CA LEU C 10 -15.89 -13.86 15.57
C LEU C 10 -16.85 -13.77 16.75
N THR C 11 -17.84 -14.66 16.78
CA THR C 11 -18.84 -14.64 17.84
C THR C 11 -18.71 -15.78 18.86
N THR C 12 -17.72 -16.65 18.66
CA THR C 12 -17.50 -17.77 19.57
C THR C 12 -16.06 -17.78 20.06
N THR C 13 -15.81 -18.53 21.12
CA THR C 13 -14.48 -18.62 21.70
C THR C 13 -14.07 -20.08 21.94
N HIS D 4 9.35 2.48 -24.76
CA HIS D 4 9.66 3.26 -25.99
C HIS D 4 9.25 4.72 -25.85
N LYS D 5 7.94 4.97 -25.72
CA LYS D 5 7.45 6.34 -25.56
C LYS D 5 7.86 6.88 -24.18
N LEU D 6 7.83 6.01 -23.19
CA LEU D 6 8.22 6.37 -21.84
C LEU D 6 9.72 6.59 -21.81
N VAL D 7 10.45 5.70 -22.49
CA VAL D 7 11.90 5.80 -22.55
C VAL D 7 12.35 7.07 -23.26
N GLN D 8 11.65 7.46 -24.32
CA GLN D 8 12.03 8.66 -25.06
C GLN D 8 11.74 9.94 -24.29
N LEU D 9 10.66 9.96 -23.52
CA LEU D 9 10.34 11.15 -22.73
C LEU D 9 11.38 11.32 -21.63
N LEU D 10 11.88 10.19 -21.12
CA LEU D 10 12.88 10.20 -20.07
C LEU D 10 14.28 10.56 -20.54
N THR D 11 14.65 10.09 -21.73
CA THR D 11 15.99 10.35 -22.26
C THR D 11 16.09 11.35 -23.39
N THR D 12 15.01 11.50 -24.16
CA THR D 12 15.02 12.43 -25.29
C THR D 12 14.52 13.83 -24.95
N THR D 13 13.59 13.94 -24.03
CA THR D 13 13.03 15.23 -23.63
C THR D 13 13.88 15.87 -22.53
C1 GEN E . -1.40 -19.21 -2.84
C2 GEN E . -0.81 -18.68 -4.03
O2 GEN E . -1.40 -19.09 -5.23
C3 GEN E . 0.31 -17.81 -4.05
C4 GEN E . 0.92 -17.40 -2.84
O4 GEN E . 2.01 -16.55 -2.82
C5 GEN E . 0.34 -17.93 -1.60
C6 GEN E . 0.95 -17.53 -0.29
O6 GEN E . 1.91 -16.77 -0.20
C7 GEN E . 0.26 -18.14 0.92
C8 GEN E . -0.86 -18.99 0.80
O9 GEN E . -1.40 -19.35 -0.46
C10 GEN E . -0.80 -18.83 -1.59
C11 GEN E . 0.70 -17.87 2.40
C12 GEN E . 1.19 -16.56 2.76
C13 GEN E . 1.57 -16.41 4.12
C14 GEN E . 1.48 -17.49 5.01
O14 GEN E . 1.88 -17.24 6.32
C15 GEN E . 1.00 -18.82 4.68
C16 GEN E . 0.60 -19.00 3.30
C1 GEN F . -9.49 5.32 -15.61
C2 GEN F . -10.40 4.49 -14.87
O2 GEN F . -10.91 3.40 -15.57
C3 GEN F . -10.79 4.72 -13.52
C4 GEN F . -10.27 5.84 -12.82
O4 GEN F . -10.63 6.10 -11.51
C5 GEN F . -9.34 6.71 -13.55
C6 GEN F . -8.75 7.91 -12.86
O6 GEN F . -9.03 8.20 -11.70
C7 GEN F . -7.81 8.72 -13.72
C8 GEN F . -7.51 8.36 -15.06
O9 GEN F . -8.09 7.21 -15.67
C10 GEN F . -8.95 6.45 -14.92
C11 GEN F . -7.07 10.00 -13.25
C12 GEN F . -6.51 10.07 -11.92
C13 GEN F . -5.85 11.29 -11.58
C14 GEN F . -5.77 12.33 -12.53
O14 GEN F . -5.11 13.49 -12.11
C15 GEN F . -6.32 12.30 -13.86
C16 GEN F . -7.00 11.08 -14.22
#